data_6YLL
#
_entry.id   6YLL
#
_cell.length_a   85.120
_cell.length_b   85.120
_cell.length_c   181.260
_cell.angle_alpha   90.000
_cell.angle_beta   90.000
_cell.angle_gamma   90.000
#
_symmetry.space_group_name_H-M   'P 43 21 2'
#
loop_
_entity.id
_entity.type
_entity.pdbx_description
1 polymer 'Mitogen-activated protein kinase 6'
2 non-polymer ~{N}4-[3-(4-methoxyphenyl)-[1,2,3]triazolo[4,5-d]pyrimidin-5-yl]cyclohexane-1,4-diamine
3 water water
#
_entity_poly.entity_id   1
_entity_poly.type   'polypeptide(L)'
_entity_poly.pdbx_seq_one_letter_code
;MNIHGFDLGSRYMDLKPLGCGGNGLVFSAVDNDCDKRVAIKKIVLTDPQSVKHALREIKIIRRLDHDNIVKVFEILGPSG
SQLTDDVGSLTELNSVYIVQEYMETDLANVLEQGPLLEEHARLFMYQLLRGLKYIHSANVLHRDLKPANLFINTEDLVLK
IGDFGLARIMDPHYSHKGHLSEGLVTKWYRSPRLLLSPNNYTKAIDMWAAGCIFAEMLTGKTLFAGAHELEQMQLILESI
PVVHEEDRQELLSVIPVYIRNDMTEPHKPLTQLLPGISREAVDFLEQILTFSPMDRLTAEEALSHPYMSIYSFPMDEPI
;
_entity_poly.pdbx_strand_id   A,B
#
loop_
_chem_comp.id
_chem_comp.type
_chem_comp.name
_chem_comp.formula
OYB non-polymer ~{N}4-[3-(4-methoxyphenyl)-[1,2,3]triazolo[4,5-d]pyrimidin-5-yl]cyclohexane-1,4-diamine 'C17 H21 N7 O'
#
# COMPACT_ATOMS: atom_id res chain seq x y z
N PHE A 6 -6.17 22.39 13.63
CA PHE A 6 -4.92 22.42 14.38
C PHE A 6 -3.87 23.31 13.71
N ASP A 7 -2.83 23.73 14.48
CA ASP A 7 -1.77 24.62 14.01
C ASP A 7 -0.42 23.94 13.73
N LEU A 8 0.33 24.51 12.76
CA LEU A 8 1.67 24.08 12.36
C LEU A 8 2.48 25.34 11.98
N GLY A 9 3.19 25.88 12.97
CA GLY A 9 4.00 27.09 12.82
C GLY A 9 3.16 28.36 12.86
N SER A 10 3.75 29.48 12.40
CA SER A 10 3.09 30.79 12.37
C SER A 10 2.59 31.16 10.96
N ARG A 11 2.06 30.16 10.22
CA ARG A 11 1.54 30.36 8.86
C ARG A 11 0.37 29.44 8.51
N TYR A 12 0.47 28.14 8.86
CA TYR A 12 -0.55 27.14 8.53
C TYR A 12 -1.48 26.82 9.70
N MET A 13 -2.78 27.09 9.49
CA MET A 13 -3.84 26.91 10.49
C MET A 13 -4.92 25.93 10.01
N ASP A 14 -5.70 25.38 10.98
CA ASP A 14 -6.82 24.45 10.80
C ASP A 14 -6.45 23.20 9.98
N LEU A 15 -5.53 22.38 10.52
CA LEU A 15 -5.10 21.14 9.89
C LEU A 15 -6.16 20.04 10.05
N LYS A 16 -6.73 19.60 8.92
CA LYS A 16 -7.76 18.56 8.87
C LYS A 16 -7.33 17.47 7.85
N PRO A 17 -7.35 16.16 8.24
CA PRO A 17 -6.92 15.11 7.30
C PRO A 17 -7.81 14.91 6.06
N LEU A 18 -7.32 14.12 5.09
CA LEU A 18 -8.03 13.83 3.85
C LEU A 18 -8.53 12.38 3.82
N GLY A 21 -10.41 9.36 6.04
CA GLY A 21 -9.22 8.89 5.34
C GLY A 21 -8.66 7.60 5.91
N GLY A 22 -8.06 7.70 7.10
CA GLY A 22 -7.45 6.57 7.80
C GLY A 22 -5.93 6.56 7.79
N ASN A 23 -5.32 7.31 6.86
CA ASN A 23 -3.87 7.41 6.69
C ASN A 23 -3.21 8.20 7.83
N GLY A 24 -3.67 9.43 8.05
CA GLY A 24 -3.17 10.32 9.09
C GLY A 24 -1.77 10.86 8.83
N LEU A 25 -1.46 11.16 7.56
CA LEU A 25 -0.17 11.68 7.12
C LEU A 25 -0.33 12.78 6.05
N VAL A 26 -1.56 12.94 5.54
CA VAL A 26 -1.93 13.94 4.53
C VAL A 26 -3.03 14.83 5.13
N PHE A 27 -2.81 16.16 5.11
CA PHE A 27 -3.72 17.15 5.68
C PHE A 27 -4.13 18.23 4.67
N SER A 28 -5.18 19.01 5.01
CA SER A 28 -5.71 20.11 4.20
C SER A 28 -5.90 21.35 5.07
N ALA A 29 -4.81 22.10 5.27
CA ALA A 29 -4.81 23.32 6.09
C ALA A 29 -4.92 24.59 5.26
N VAL A 30 -5.07 25.75 5.94
CA VAL A 30 -5.17 27.06 5.31
C VAL A 30 -4.00 27.97 5.73
N ASP A 31 -3.42 28.66 4.74
CA ASP A 31 -2.31 29.60 4.92
C ASP A 31 -2.92 30.95 5.31
N ASN A 32 -2.58 31.48 6.51
CA ASN A 32 -3.13 32.77 6.99
C ASN A 32 -2.50 33.99 6.30
N ASP A 33 -1.27 33.83 5.78
CA ASP A 33 -0.53 34.88 5.08
C ASP A 33 -1.09 35.13 3.67
N CYS A 34 -1.56 34.05 3.01
CA CYS A 34 -2.13 34.09 1.65
C CYS A 34 -3.67 34.02 1.62
N ASP A 35 -4.29 33.51 2.72
CA ASP A 35 -5.74 33.32 2.92
C ASP A 35 -6.35 32.34 1.90
N LYS A 36 -5.66 31.19 1.68
CA LYS A 36 -6.06 30.12 0.75
C LYS A 36 -5.77 28.72 1.31
N ARG A 37 -6.46 27.69 0.75
CA ARG A 37 -6.35 26.28 1.15
C ARG A 37 -5.14 25.60 0.49
N VAL A 38 -4.40 24.80 1.28
CA VAL A 38 -3.21 24.06 0.82
C VAL A 38 -3.23 22.60 1.29
N ALA A 39 -2.54 21.71 0.56
CA ALA A 39 -2.42 20.29 0.89
C ALA A 39 -1.03 19.97 1.45
N ILE A 40 -0.96 19.72 2.77
CA ILE A 40 0.28 19.43 3.50
C ILE A 40 0.48 17.92 3.64
N LYS A 41 1.63 17.42 3.15
CA LYS A 41 2.02 16.00 3.19
C LYS A 41 3.18 15.82 4.17
N LYS A 42 3.10 14.84 5.08
CA LYS A 42 4.16 14.58 6.04
C LYS A 42 4.99 13.35 5.69
N ILE A 43 6.32 13.46 5.82
CA ILE A 43 7.29 12.39 5.56
C ILE A 43 8.08 12.13 6.84
N VAL A 44 7.88 10.95 7.44
CA VAL A 44 8.54 10.51 8.67
C VAL A 44 9.91 9.95 8.30
N LEU A 45 10.97 10.36 9.04
CA LEU A 45 12.34 9.94 8.76
C LEU A 45 12.95 9.05 9.86
N THR A 46 13.38 7.84 9.47
CA THR A 46 13.99 6.84 10.35
C THR A 46 15.11 6.08 9.63
N ASP A 47 14.72 5.30 8.61
CA ASP A 47 15.55 4.46 7.75
C ASP A 47 16.50 5.34 6.92
N PRO A 48 17.82 5.03 6.85
CA PRO A 48 18.74 5.87 6.04
C PRO A 48 18.40 5.88 4.54
N GLN A 49 17.47 4.98 4.12
CA GLN A 49 16.96 4.88 2.76
C GLN A 49 15.68 5.71 2.62
N SER A 50 14.97 5.97 3.76
CA SER A 50 13.76 6.80 3.80
C SER A 50 14.15 8.27 3.62
N VAL A 51 15.35 8.63 4.13
CA VAL A 51 15.95 9.97 4.00
C VAL A 51 16.40 10.13 2.54
N LYS A 52 16.99 9.05 1.96
CA LYS A 52 17.46 8.99 0.57
C LYS A 52 16.32 9.23 -0.42
N HIS A 53 15.14 8.66 -0.14
CA HIS A 53 13.95 8.82 -0.98
C HIS A 53 13.31 10.20 -0.84
N ALA A 54 13.37 10.78 0.38
CA ALA A 54 12.83 12.11 0.68
C ALA A 54 13.67 13.21 0.03
N LEU A 55 15.01 13.04 0.05
CA LEU A 55 15.97 13.97 -0.54
C LEU A 55 15.87 13.94 -2.07
N ARG A 56 15.67 12.74 -2.64
CA ARG A 56 15.52 12.48 -4.08
C ARG A 56 14.26 13.16 -4.61
N GLU A 57 13.16 13.13 -3.82
CA GLU A 57 11.87 13.71 -4.18
C GLU A 57 11.86 15.24 -4.10
N ILE A 58 12.33 15.82 -2.96
CA ILE A 58 12.36 17.27 -2.73
C ILE A 58 13.07 18.01 -3.88
N LYS A 59 14.25 17.51 -4.31
CA LYS A 59 15.05 18.09 -5.40
C LYS A 59 14.26 18.18 -6.71
N ILE A 60 13.44 17.15 -7.01
CA ILE A 60 12.61 17.06 -8.21
C ILE A 60 11.41 18.03 -8.14
N ILE A 61 10.58 17.93 -7.08
CA ILE A 61 9.36 18.73 -6.89
C ILE A 61 9.63 20.24 -6.79
N ARG A 62 10.83 20.64 -6.31
CA ARG A 62 11.21 22.06 -6.19
C ARG A 62 11.72 22.64 -7.51
N ARG A 63 12.07 21.77 -8.46
CA ARG A 63 12.62 22.11 -9.77
C ARG A 63 11.57 22.22 -10.89
N LEU A 64 10.38 21.60 -10.71
CA LEU A 64 9.32 21.58 -11.73
C LEU A 64 8.23 22.63 -11.56
N ASP A 65 8.07 23.49 -12.58
CA ASP A 65 7.04 24.54 -12.63
C ASP A 65 6.32 24.53 -13.99
N HIS A 66 5.12 23.93 -14.02
CA HIS A 66 4.29 23.80 -15.22
C HIS A 66 2.81 23.85 -14.85
N ASP A 67 1.95 24.31 -15.78
CA ASP A 67 0.50 24.44 -15.59
C ASP A 67 -0.21 23.09 -15.38
N ASN A 68 0.40 21.98 -15.84
CA ASN A 68 -0.15 20.64 -15.72
C ASN A 68 0.64 19.76 -14.73
N ILE A 69 1.35 20.42 -13.78
CA ILE A 69 2.14 19.80 -12.70
C ILE A 69 1.72 20.48 -11.39
N VAL A 70 1.43 19.69 -10.33
CA VAL A 70 1.04 20.19 -9.00
C VAL A 70 2.19 21.01 -8.40
N LYS A 71 1.99 22.33 -8.30
CA LYS A 71 2.97 23.29 -7.80
C LYS A 71 3.22 23.15 -6.30
N VAL A 72 4.50 23.11 -5.91
CA VAL A 72 4.97 22.98 -4.53
C VAL A 72 5.31 24.37 -3.98
N PHE A 73 4.76 24.71 -2.80
CA PHE A 73 4.96 26.01 -2.18
C PHE A 73 6.12 26.04 -1.20
N GLU A 74 6.15 25.13 -0.19
CA GLU A 74 7.23 25.10 0.82
C GLU A 74 7.55 23.72 1.37
N ILE A 75 8.76 23.59 1.96
CA ILE A 75 9.27 22.39 2.63
C ILE A 75 9.54 22.80 4.08
N LEU A 76 8.76 22.26 5.03
CA LEU A 76 8.86 22.59 6.45
C LEU A 76 9.52 21.50 7.31
N GLY A 77 9.99 21.90 8.48
CA GLY A 77 10.63 21.01 9.46
C GLY A 77 9.64 20.42 10.46
N PRO A 78 10.12 19.83 11.57
CA PRO A 78 9.18 19.24 12.56
C PRO A 78 8.34 20.26 13.32
N SER A 79 8.95 21.42 13.66
CA SER A 79 8.27 22.51 14.38
C SER A 79 7.28 23.27 13.50
N GLY A 80 7.61 23.40 12.22
CA GLY A 80 6.78 24.11 11.22
C GLY A 80 7.51 25.23 10.50
N SER A 81 8.84 25.32 10.72
CA SER A 81 9.70 26.33 10.09
C SER A 81 10.25 25.83 8.76
N GLN A 82 10.35 26.74 7.76
CA GLN A 82 10.84 26.44 6.42
C GLN A 82 12.29 25.96 6.36
N LEU A 83 12.63 25.14 5.35
CA LEU A 83 13.97 24.59 5.14
C LEU A 83 14.73 25.39 4.08
N THR A 84 15.98 25.79 4.39
CA THR A 84 16.85 26.56 3.50
C THR A 84 17.74 25.64 2.66
N ASP A 85 17.42 25.53 1.35
CA ASP A 85 18.13 24.69 0.38
C ASP A 85 18.07 25.29 -1.02
N THR A 91 20.18 18.70 6.87
CA THR A 91 19.16 17.66 7.01
C THR A 91 19.40 16.86 8.34
N GLU A 92 18.94 15.59 8.39
CA GLU A 92 19.00 14.66 9.54
C GLU A 92 18.14 15.17 10.70
N LEU A 93 16.82 15.13 10.48
CA LEU A 93 15.78 15.58 11.41
C LEU A 93 15.00 14.33 11.89
N ASN A 94 13.68 14.45 12.05
CA ASN A 94 12.81 13.35 12.47
C ASN A 94 11.54 13.29 11.62
N SER A 95 11.00 14.46 11.22
CA SER A 95 9.82 14.61 10.37
C SER A 95 9.92 15.86 9.49
N VAL A 96 9.48 15.74 8.22
CA VAL A 96 9.51 16.82 7.21
C VAL A 96 8.14 16.94 6.51
N TYR A 97 7.56 18.15 6.53
CA TYR A 97 6.27 18.47 5.89
C TYR A 97 6.49 19.13 4.52
N ILE A 98 5.59 18.88 3.56
CA ILE A 98 5.63 19.44 2.21
C ILE A 98 4.28 20.09 1.85
N VAL A 99 4.32 21.40 1.55
CA VAL A 99 3.14 22.19 1.18
C VAL A 99 3.02 22.24 -0.34
N GLN A 100 1.90 21.74 -0.85
CA GLN A 100 1.58 21.68 -2.28
C GLN A 100 0.27 22.40 -2.59
N GLU A 101 -0.03 22.60 -3.85
CA GLU A 101 -1.26 23.25 -4.19
C GLU A 101 -2.40 22.35 -3.82
N TYR A 102 -3.56 22.89 -3.49
CA TYR A 102 -4.68 22.05 -3.12
C TYR A 102 -5.60 21.82 -4.27
N MET A 103 -5.89 20.56 -4.54
CA MET A 103 -6.73 20.23 -5.63
C MET A 103 -8.01 19.57 -5.22
N GLU A 104 -9.04 19.96 -5.91
CA GLU A 104 -10.37 19.50 -5.66
C GLU A 104 -10.50 18.03 -5.51
N THR A 105 -10.12 17.32 -6.55
CA THR A 105 -10.20 15.88 -6.54
C THR A 105 -9.10 15.25 -7.34
N ASP A 106 -9.20 13.95 -7.54
CA ASP A 106 -8.21 13.23 -8.30
C ASP A 106 -8.91 12.37 -9.30
N LEU A 107 -8.29 12.13 -10.43
CA LEU A 107 -8.93 11.34 -11.46
C LEU A 107 -9.37 9.97 -11.00
N ALA A 108 -8.82 9.46 -9.93
CA ALA A 108 -9.25 8.16 -9.46
C ALA A 108 -10.68 8.22 -9.04
N ASN A 109 -11.04 9.29 -8.35
CA ASN A 109 -12.42 9.50 -7.94
C ASN A 109 -13.36 9.80 -9.05
N VAL A 110 -12.90 10.54 -10.04
CA VAL A 110 -13.72 10.91 -11.14
C VAL A 110 -14.13 9.69 -11.92
N LEU A 111 -13.23 8.74 -12.11
CA LEU A 111 -13.53 7.50 -12.79
C LEU A 111 -14.41 6.57 -12.00
N GLU A 112 -14.44 6.73 -10.68
CA GLU A 112 -15.25 5.90 -9.80
C GLU A 112 -16.72 6.00 -10.12
N GLN A 113 -17.18 7.17 -10.52
CA GLN A 113 -18.53 7.41 -10.90
C GLN A 113 -18.77 7.12 -12.38
N GLY A 114 -17.80 6.62 -13.10
CA GLY A 114 -18.00 6.26 -14.48
C GLY A 114 -17.18 6.95 -15.51
N PRO A 115 -17.26 6.43 -16.70
CA PRO A 115 -16.48 6.89 -17.83
C PRO A 115 -16.69 8.33 -18.19
N LEU A 116 -15.62 8.95 -18.60
CA LEU A 116 -15.65 10.31 -19.05
C LEU A 116 -16.10 10.37 -20.48
N LEU A 117 -16.60 11.51 -20.89
CA LEU A 117 -17.03 11.72 -22.23
C LEU A 117 -15.84 11.82 -23.12
N GLU A 118 -15.95 11.39 -24.35
CA GLU A 118 -14.78 11.43 -25.24
C GLU A 118 -14.12 12.84 -25.34
N GLU A 119 -14.91 13.92 -25.09
CA GLU A 119 -14.38 15.29 -25.08
C GLU A 119 -13.52 15.59 -23.86
N HIS A 120 -13.86 14.99 -22.68
CA HIS A 120 -13.13 15.17 -21.42
C HIS A 120 -11.91 14.27 -21.34
N ALA A 121 -12.02 13.02 -21.85
CA ALA A 121 -10.94 12.04 -21.88
C ALA A 121 -9.82 12.51 -22.82
N ARG A 122 -10.18 13.18 -23.93
CA ARG A 122 -9.26 13.73 -24.93
C ARG A 122 -8.54 14.96 -24.34
N LEU A 123 -9.29 15.85 -23.66
CA LEU A 123 -8.79 17.07 -23.02
C LEU A 123 -7.80 16.74 -21.89
N PHE A 124 -8.12 15.74 -21.05
CA PHE A 124 -7.25 15.30 -19.95
C PHE A 124 -5.99 14.61 -20.46
N MET A 125 -6.10 13.87 -21.58
CA MET A 125 -4.96 13.19 -22.21
C MET A 125 -3.99 14.24 -22.74
N TYR A 126 -4.51 15.30 -23.40
CA TYR A 126 -3.73 16.41 -23.94
C TYR A 126 -2.91 17.08 -22.81
N GLN A 127 -3.57 17.32 -21.67
CA GLN A 127 -2.97 17.94 -20.48
C GLN A 127 -1.96 17.01 -19.81
N LEU A 128 -2.19 15.69 -19.85
CA LEU A 128 -1.28 14.68 -19.29
C LEU A 128 -0.02 14.58 -20.16
N LEU A 129 -0.20 14.59 -21.50
CA LEU A 129 0.91 14.54 -22.46
C LEU A 129 1.72 15.84 -22.45
N ARG A 130 1.06 16.98 -22.18
CA ARG A 130 1.71 18.29 -22.07
C ARG A 130 2.59 18.33 -20.82
N GLY A 131 2.08 17.75 -19.73
CA GLY A 131 2.78 17.65 -18.46
C GLY A 131 3.96 16.69 -18.55
N LEU A 132 3.76 15.55 -19.26
CA LEU A 132 4.79 14.53 -19.49
C LEU A 132 5.92 15.07 -20.36
N LYS A 133 5.58 15.91 -21.37
CA LYS A 133 6.54 16.55 -22.29
C LYS A 133 7.52 17.42 -21.49
N TYR A 134 7.01 18.16 -20.46
CA TYR A 134 7.79 19.03 -19.59
C TYR A 134 8.77 18.24 -18.72
N ILE A 135 8.28 17.21 -17.98
CA ILE A 135 9.11 16.40 -17.07
C ILE A 135 10.19 15.64 -17.86
N HIS A 136 9.82 15.04 -19.02
CA HIS A 136 10.75 14.30 -19.89
C HIS A 136 11.82 15.20 -20.52
N SER A 137 11.49 16.49 -20.75
CA SER A 137 12.41 17.49 -21.30
C SER A 137 13.48 17.82 -20.25
N ALA A 138 13.10 17.81 -18.96
CA ALA A 138 13.98 18.06 -17.82
C ALA A 138 14.67 16.77 -17.33
N ASN A 139 14.57 15.69 -18.13
CA ASN A 139 15.12 14.34 -17.89
C ASN A 139 14.61 13.71 -16.58
N VAL A 140 13.34 14.00 -16.25
CA VAL A 140 12.67 13.48 -15.05
C VAL A 140 11.59 12.51 -15.50
N LEU A 141 11.53 11.34 -14.85
CA LEU A 141 10.52 10.30 -15.12
C LEU A 141 9.61 10.23 -13.89
N HIS A 142 8.29 10.10 -14.10
CA HIS A 142 7.33 10.06 -12.99
C HIS A 142 7.42 8.75 -12.22
N ARG A 143 7.64 7.63 -12.94
CA ARG A 143 7.80 6.25 -12.46
C ARG A 143 6.57 5.65 -11.74
N ASP A 144 5.48 6.43 -11.56
CA ASP A 144 4.25 5.95 -10.89
C ASP A 144 2.97 6.64 -11.43
N LEU A 145 2.80 6.69 -12.76
CA LEU A 145 1.61 7.31 -13.35
C LEU A 145 0.37 6.41 -13.20
N LYS A 146 -0.65 6.93 -12.52
CA LYS A 146 -1.94 6.28 -12.25
C LYS A 146 -3.03 7.34 -11.99
N PRO A 147 -4.35 7.06 -12.18
CA PRO A 147 -5.37 8.09 -11.95
C PRO A 147 -5.38 8.76 -10.57
N ALA A 148 -4.90 8.05 -9.53
CA ALA A 148 -4.81 8.57 -8.17
C ALA A 148 -3.79 9.71 -8.04
N ASN A 149 -2.72 9.67 -8.86
CA ASN A 149 -1.66 10.68 -8.88
C ASN A 149 -1.94 11.84 -9.85
N LEU A 150 -3.04 11.75 -10.62
CA LEU A 150 -3.47 12.79 -11.56
C LEU A 150 -4.61 13.55 -10.92
N PHE A 151 -4.36 14.79 -10.50
CA PHE A 151 -5.35 15.61 -9.80
C PHE A 151 -6.18 16.47 -10.75
N ILE A 152 -7.51 16.50 -10.52
CA ILE A 152 -8.49 17.21 -11.33
C ILE A 152 -9.14 18.37 -10.59
N ASN A 153 -9.22 19.53 -11.26
CA ASN A 153 -9.90 20.74 -10.79
C ASN A 153 -11.11 20.83 -11.73
N THR A 154 -12.19 20.09 -11.39
CA THR A 154 -13.44 19.89 -12.15
C THR A 154 -14.05 21.11 -12.81
N GLU A 155 -14.00 22.28 -12.16
CA GLU A 155 -14.64 23.45 -12.78
C GLU A 155 -13.82 24.05 -13.91
N ASP A 156 -12.48 24.15 -13.76
CA ASP A 156 -11.63 24.66 -14.84
C ASP A 156 -11.26 23.54 -15.81
N LEU A 157 -11.57 22.26 -15.44
CA LEU A 157 -11.25 21.02 -16.16
C LEU A 157 -9.75 20.90 -16.42
N VAL A 158 -8.96 21.10 -15.35
CA VAL A 158 -7.50 21.08 -15.39
C VAL A 158 -6.93 19.84 -14.70
N LEU A 159 -6.10 19.08 -15.45
CA LEU A 159 -5.38 17.91 -14.96
C LEU A 159 -3.99 18.41 -14.54
N LYS A 160 -3.53 17.96 -13.37
CA LYS A 160 -2.22 18.30 -12.82
C LYS A 160 -1.55 17.04 -12.28
N ILE A 161 -0.35 16.72 -12.80
CA ILE A 161 0.43 15.54 -12.38
C ILE A 161 1.04 15.80 -11.01
N GLY A 162 0.78 14.90 -10.07
CA GLY A 162 1.29 15.00 -8.70
C GLY A 162 1.94 13.72 -8.21
N ASP A 163 2.31 13.69 -6.91
CA ASP A 163 2.95 12.57 -6.21
C ASP A 163 4.20 12.04 -6.95
N PHE A 164 5.32 12.75 -6.77
CA PHE A 164 6.62 12.41 -7.36
C PHE A 164 7.49 11.59 -6.38
N GLY A 165 6.82 10.81 -5.51
CA GLY A 165 7.45 9.96 -4.50
C GLY A 165 8.33 8.86 -5.05
N LEU A 166 7.98 8.37 -6.26
CA LEU A 166 8.70 7.31 -6.97
C LEU A 166 9.56 7.86 -8.12
N ALA A 167 9.39 9.16 -8.46
CA ALA A 167 10.10 9.85 -9.54
C ALA A 167 11.62 9.84 -9.42
N ARG A 168 12.31 9.63 -10.57
CA ARG A 168 13.76 9.56 -10.68
C ARG A 168 14.27 10.30 -11.93
N ILE A 169 15.52 10.81 -11.88
CA ILE A 169 16.19 11.52 -12.97
C ILE A 169 16.99 10.51 -13.82
N MET A 170 16.84 10.59 -15.17
CA MET A 170 17.43 9.79 -16.27
C MET A 170 16.35 9.10 -17.10
N HIS A 179 14.15 -1.80 -4.91
CA HIS A 179 13.34 -2.98 -5.24
C HIS A 179 12.35 -3.38 -4.14
N LEU A 180 12.58 -2.91 -2.88
CA LEU A 180 11.74 -3.20 -1.72
C LEU A 180 10.36 -2.54 -1.75
N SER A 181 9.40 -3.11 -0.99
CA SER A 181 7.99 -2.68 -0.84
C SER A 181 7.23 -2.69 -2.19
N GLU A 182 7.49 -3.72 -3.01
CA GLU A 182 6.90 -3.94 -4.33
C GLU A 182 5.42 -4.37 -4.29
N GLY A 183 4.97 -4.83 -3.12
CA GLY A 183 3.59 -5.28 -2.90
C GLY A 183 2.58 -4.15 -2.90
N LEU A 184 2.95 -3.00 -2.33
CA LEU A 184 2.13 -1.78 -2.22
C LEU A 184 2.00 -0.98 -3.52
N VAL A 185 2.70 -1.39 -4.57
CA VAL A 185 2.69 -0.77 -5.89
C VAL A 185 1.70 -1.50 -6.80
N THR A 186 0.98 -0.75 -7.66
CA THR A 186 0.02 -1.28 -8.64
C THR A 186 0.76 -1.60 -9.94
N LYS A 187 0.58 -2.83 -10.49
CA LYS A 187 1.26 -3.23 -11.74
C LYS A 187 0.43 -2.92 -12.98
N TRP A 188 -0.82 -2.48 -12.78
CA TRP A 188 -1.84 -2.19 -13.80
C TRP A 188 -1.43 -1.22 -14.91
N TYR A 189 -0.46 -0.34 -14.63
CA TYR A 189 -0.01 0.67 -15.57
C TYR A 189 1.46 0.50 -15.99
N ARG A 190 2.06 -0.66 -15.67
CA ARG A 190 3.46 -1.00 -16.02
C ARG A 190 3.56 -1.54 -17.43
N SER A 191 4.58 -1.08 -18.18
CA SER A 191 4.85 -1.49 -19.56
C SER A 191 5.39 -2.93 -19.61
N PRO A 192 5.31 -3.67 -20.76
CA PRO A 192 5.87 -5.03 -20.78
C PRO A 192 7.38 -5.09 -20.53
N ARG A 193 8.12 -4.04 -20.94
CA ARG A 193 9.57 -3.90 -20.74
C ARG A 193 9.89 -3.77 -19.24
N LEU A 194 9.05 -3.02 -18.49
CA LEU A 194 9.20 -2.79 -17.05
C LEU A 194 8.90 -4.06 -16.23
N LEU A 195 8.03 -4.94 -16.76
CA LEU A 195 7.68 -6.19 -16.09
C LEU A 195 8.80 -7.22 -16.26
N LEU A 196 9.51 -7.18 -17.41
CA LEU A 196 10.64 -8.07 -17.72
C LEU A 196 11.93 -7.55 -17.09
N SER A 197 12.16 -6.22 -17.15
CA SER A 197 13.32 -5.52 -16.61
C SER A 197 12.86 -4.45 -15.60
N PRO A 198 12.69 -4.80 -14.30
CA PRO A 198 12.21 -3.80 -13.32
C PRO A 198 13.24 -2.75 -12.91
N ASN A 199 14.52 -3.05 -13.07
CA ASN A 199 15.64 -2.17 -12.70
C ASN A 199 15.80 -0.95 -13.63
N ASN A 200 15.34 -1.04 -14.89
CA ASN A 200 15.47 0.06 -15.86
C ASN A 200 14.17 0.87 -16.00
N TYR A 201 14.31 2.20 -15.95
CA TYR A 201 13.21 3.16 -16.07
C TYR A 201 13.50 4.12 -17.21
N THR A 202 12.57 4.21 -18.18
CA THR A 202 12.69 5.07 -19.37
C THR A 202 11.46 5.98 -19.52
N LYS A 203 11.55 6.95 -20.44
CA LYS A 203 10.47 7.89 -20.78
C LYS A 203 9.27 7.14 -21.39
N ALA A 204 9.57 6.05 -22.14
CA ALA A 204 8.59 5.19 -22.80
C ALA A 204 7.68 4.45 -21.83
N ILE A 205 8.20 4.16 -20.61
CA ILE A 205 7.47 3.49 -19.53
C ILE A 205 6.30 4.37 -19.04
N ASP A 206 6.55 5.69 -18.94
CA ASP A 206 5.55 6.70 -18.57
C ASP A 206 4.47 6.84 -19.64
N MET A 207 4.85 6.68 -20.93
CA MET A 207 3.95 6.75 -22.07
C MET A 207 2.93 5.61 -22.09
N TRP A 208 3.37 4.36 -21.78
CA TRP A 208 2.49 3.18 -21.73
C TRP A 208 1.42 3.39 -20.65
N ALA A 209 1.83 3.93 -19.47
CA ALA A 209 0.96 4.24 -18.34
C ALA A 209 -0.09 5.27 -18.75
N ALA A 210 0.33 6.31 -19.52
CA ALA A 210 -0.55 7.38 -20.02
C ALA A 210 -1.61 6.81 -20.97
N GLY A 211 -1.26 5.76 -21.72
CA GLY A 211 -2.15 5.05 -22.62
C GLY A 211 -3.20 4.27 -21.85
N CYS A 212 -2.75 3.54 -20.80
CA CYS A 212 -3.59 2.75 -19.90
C CYS A 212 -4.61 3.63 -19.18
N ILE A 213 -4.22 4.88 -18.83
CA ILE A 213 -5.06 5.88 -18.17
C ILE A 213 -6.15 6.37 -19.13
N PHE A 214 -5.77 6.69 -20.40
CA PHE A 214 -6.69 7.15 -21.45
C PHE A 214 -7.78 6.11 -21.72
N ALA A 215 -7.40 4.81 -21.76
CA ALA A 215 -8.31 3.69 -21.97
C ALA A 215 -9.27 3.54 -20.78
N GLU A 216 -8.78 3.84 -19.56
CA GLU A 216 -9.56 3.79 -18.33
C GLU A 216 -10.53 4.98 -18.27
N MET A 217 -10.13 6.13 -18.87
CA MET A 217 -10.97 7.33 -18.92
C MET A 217 -12.18 7.12 -19.82
N LEU A 218 -11.97 6.39 -20.94
CA LEU A 218 -13.00 6.10 -21.94
C LEU A 218 -13.96 4.98 -21.53
N THR A 219 -13.45 3.90 -20.90
CA THR A 219 -14.25 2.73 -20.50
C THR A 219 -14.73 2.77 -19.04
N GLY A 220 -13.93 3.35 -18.15
CA GLY A 220 -14.25 3.42 -16.73
C GLY A 220 -13.56 2.33 -15.93
N LYS A 221 -13.29 1.19 -16.60
CA LYS A 221 -12.64 0.00 -16.06
C LYS A 221 -11.15 -0.03 -16.44
N THR A 222 -10.33 -0.72 -15.63
CA THR A 222 -8.88 -0.89 -15.86
C THR A 222 -8.69 -1.79 -17.08
N LEU A 223 -7.84 -1.36 -18.03
CA LEU A 223 -7.56 -2.10 -19.27
C LEU A 223 -6.90 -3.45 -19.01
N PHE A 224 -5.80 -3.46 -18.22
CA PHE A 224 -5.09 -4.69 -17.86
C PHE A 224 -4.92 -4.74 -16.33
N ALA A 225 -5.92 -5.33 -15.65
CA ALA A 225 -5.93 -5.45 -14.19
C ALA A 225 -5.40 -6.81 -13.71
N GLY A 226 -4.10 -6.86 -13.44
CA GLY A 226 -3.42 -8.07 -12.96
C GLY A 226 -3.02 -7.99 -11.51
N ALA A 227 -3.19 -9.12 -10.78
CA ALA A 227 -2.87 -9.26 -9.36
C ALA A 227 -1.37 -9.15 -9.07
N HIS A 228 -0.53 -9.69 -9.98
CA HIS A 228 0.93 -9.67 -9.89
C HIS A 228 1.58 -9.45 -11.27
N GLU A 229 2.93 -9.33 -11.29
CA GLU A 229 3.75 -9.09 -12.49
C GLU A 229 3.52 -10.11 -13.61
N LEU A 230 3.37 -11.39 -13.26
CA LEU A 230 3.15 -12.49 -14.20
C LEU A 230 1.75 -12.44 -14.82
N GLU A 231 0.70 -12.19 -14.01
CA GLU A 231 -0.68 -12.09 -14.47
C GLU A 231 -0.90 -10.86 -15.34
N GLN A 232 -0.15 -9.77 -15.03
CA GLN A 232 -0.18 -8.51 -15.76
C GLN A 232 0.31 -8.72 -17.21
N MET A 233 1.40 -9.49 -17.38
CA MET A 233 1.98 -9.83 -18.68
C MET A 233 1.03 -10.70 -19.49
N GLN A 234 0.36 -11.67 -18.82
CA GLN A 234 -0.61 -12.59 -19.42
C GLN A 234 -1.78 -11.82 -20.05
N LEU A 235 -2.26 -10.76 -19.37
CA LEU A 235 -3.36 -9.92 -19.84
C LEU A 235 -2.94 -9.00 -20.99
N ILE A 236 -1.70 -8.46 -20.93
CA ILE A 236 -1.13 -7.58 -21.96
C ILE A 236 -0.94 -8.36 -23.26
N LEU A 237 -0.42 -9.60 -23.17
CA LEU A 237 -0.16 -10.50 -24.30
C LEU A 237 -1.43 -10.94 -25.05
N GLU A 238 -2.58 -10.96 -24.35
CA GLU A 238 -3.88 -11.34 -24.92
C GLU A 238 -4.41 -10.28 -25.88
N SER A 239 -4.05 -9.00 -25.68
CA SER A 239 -4.54 -7.91 -26.52
C SER A 239 -3.47 -7.20 -27.35
N ILE A 240 -2.27 -6.96 -26.77
CA ILE A 240 -1.18 -6.27 -27.45
C ILE A 240 -0.34 -7.27 -28.26
N PRO A 241 -0.24 -7.11 -29.60
CA PRO A 241 0.56 -8.06 -30.39
C PRO A 241 2.06 -7.74 -30.37
N VAL A 242 2.90 -8.78 -30.42
CA VAL A 242 4.35 -8.65 -30.44
C VAL A 242 4.76 -8.67 -31.93
N VAL A 243 5.18 -7.51 -32.45
CA VAL A 243 5.56 -7.34 -33.87
C VAL A 243 7.02 -7.71 -34.14
N HIS A 244 7.95 -7.28 -33.26
CA HIS A 244 9.38 -7.54 -33.41
C HIS A 244 9.76 -8.95 -33.00
N GLU A 245 10.65 -9.59 -33.79
CA GLU A 245 11.14 -10.95 -33.52
C GLU A 245 12.15 -10.96 -32.36
N GLU A 246 12.73 -9.77 -32.06
CA GLU A 246 13.69 -9.58 -30.96
C GLU A 246 12.96 -9.73 -29.62
N ASP A 247 11.78 -9.09 -29.48
CA ASP A 247 10.94 -9.15 -28.29
C ASP A 247 10.29 -10.53 -28.13
N ARG A 248 9.85 -11.13 -29.28
CA ARG A 248 9.20 -12.44 -29.37
C ARG A 248 10.11 -13.57 -28.87
N GLN A 249 11.40 -13.55 -29.26
CA GLN A 249 12.39 -14.55 -28.86
C GLN A 249 12.81 -14.39 -27.40
N GLU A 250 12.76 -13.15 -26.87
CA GLU A 250 13.09 -12.81 -25.48
C GLU A 250 12.01 -13.36 -24.55
N LEU A 251 10.74 -13.29 -24.98
CA LEU A 251 9.59 -13.78 -24.23
C LEU A 251 9.62 -15.30 -24.09
N LEU A 252 9.97 -16.02 -25.17
CA LEU A 252 10.08 -17.48 -25.19
C LEU A 252 11.11 -18.00 -24.18
N SER A 253 12.07 -17.14 -23.79
CA SER A 253 13.13 -17.47 -22.84
C SER A 253 12.87 -16.93 -21.43
N VAL A 254 11.93 -15.98 -21.26
CA VAL A 254 11.67 -15.35 -19.95
C VAL A 254 10.29 -15.72 -19.36
N ILE A 255 9.17 -15.40 -20.06
CA ILE A 255 7.81 -15.68 -19.55
C ILE A 255 7.55 -17.19 -19.41
N PRO A 256 6.92 -17.64 -18.29
CA PRO A 256 6.70 -19.08 -18.09
C PRO A 256 5.77 -19.77 -19.09
N VAL A 257 5.88 -21.10 -19.14
CA VAL A 257 5.18 -22.06 -19.99
C VAL A 257 3.65 -21.84 -20.03
N TYR A 258 3.00 -21.60 -18.86
CA TYR A 258 1.55 -21.39 -18.80
C TYR A 258 1.12 -20.10 -19.53
N ILE A 259 1.97 -19.07 -19.55
CA ILE A 259 1.71 -17.81 -20.26
C ILE A 259 2.13 -17.98 -21.73
N ARG A 260 3.23 -18.73 -21.98
CA ARG A 260 3.81 -19.02 -23.30
C ARG A 260 2.84 -19.67 -24.28
N ASN A 261 2.03 -20.64 -23.82
CA ASN A 261 1.05 -21.32 -24.65
C ASN A 261 -0.19 -20.45 -24.87
N ASP A 262 -0.48 -19.55 -23.92
CA ASP A 262 -1.64 -18.66 -23.95
C ASP A 262 -1.55 -17.54 -25.00
N MET A 263 -0.33 -17.10 -25.38
CA MET A 263 -0.15 -16.02 -26.36
C MET A 263 -0.41 -16.47 -27.81
N THR A 264 -0.20 -17.76 -28.12
CA THR A 264 -0.48 -18.33 -29.45
C THR A 264 -1.96 -18.73 -29.59
N GLU A 265 -2.70 -18.66 -28.47
CA GLU A 265 -4.15 -18.95 -28.40
C GLU A 265 -4.93 -17.68 -28.76
N PRO A 266 -6.14 -17.79 -29.38
CA PRO A 266 -6.86 -16.57 -29.77
C PRO A 266 -7.50 -15.80 -28.61
N HIS A 267 -7.38 -14.46 -28.63
CA HIS A 267 -7.93 -13.56 -27.61
C HIS A 267 -8.45 -12.24 -28.20
N LYS A 268 -9.09 -11.40 -27.34
CA LYS A 268 -9.68 -10.11 -27.71
C LYS A 268 -8.65 -9.03 -28.07
N PRO A 269 -8.80 -8.34 -29.23
CA PRO A 269 -7.88 -7.25 -29.56
C PRO A 269 -8.20 -5.98 -28.75
N LEU A 270 -7.39 -4.91 -28.92
CA LEU A 270 -7.58 -3.64 -28.21
C LEU A 270 -8.92 -2.98 -28.52
N THR A 271 -9.35 -3.01 -29.80
CA THR A 271 -10.62 -2.46 -30.29
C THR A 271 -11.86 -3.14 -29.66
N GLN A 272 -11.72 -4.40 -29.18
CA GLN A 272 -12.80 -5.14 -28.51
C GLN A 272 -12.88 -4.83 -27.01
N LEU A 273 -11.83 -4.22 -26.44
CA LEU A 273 -11.77 -3.81 -25.03
C LEU A 273 -12.34 -2.40 -24.86
N LEU A 274 -12.56 -1.68 -25.98
CA LEU A 274 -13.11 -0.32 -26.01
C LEU A 274 -14.42 -0.29 -26.84
N PRO A 275 -15.55 -0.82 -26.31
CA PRO A 275 -16.80 -0.81 -27.10
C PRO A 275 -17.51 0.54 -27.06
N GLY A 276 -17.94 0.99 -28.23
CA GLY A 276 -18.63 2.28 -28.39
C GLY A 276 -17.72 3.47 -28.59
N ILE A 277 -16.40 3.27 -28.40
CA ILE A 277 -15.36 4.28 -28.55
C ILE A 277 -15.00 4.41 -30.04
N SER A 278 -14.87 5.65 -30.54
CA SER A 278 -14.55 5.97 -31.94
C SER A 278 -13.19 5.43 -32.39
N ARG A 279 -13.05 5.09 -33.69
CA ARG A 279 -11.82 4.56 -34.29
C ARG A 279 -10.63 5.54 -34.20
N GLU A 280 -10.90 6.86 -34.16
CA GLU A 280 -9.90 7.93 -34.02
C GLU A 280 -9.14 7.82 -32.69
N ALA A 281 -9.89 7.54 -31.60
CA ALA A 281 -9.35 7.38 -30.25
C ALA A 281 -8.59 6.06 -30.10
N VAL A 282 -9.14 4.97 -30.68
CA VAL A 282 -8.57 3.61 -30.65
C VAL A 282 -7.26 3.54 -31.46
N ASP A 283 -7.23 4.11 -32.68
CA ASP A 283 -6.04 4.12 -33.54
C ASP A 283 -4.91 4.98 -32.95
N PHE A 284 -5.25 6.03 -32.18
CA PHE A 284 -4.29 6.90 -31.49
C PHE A 284 -3.68 6.10 -30.33
N LEU A 285 -4.54 5.33 -29.63
CA LEU A 285 -4.17 4.48 -28.50
C LEU A 285 -3.33 3.27 -28.94
N GLU A 286 -3.59 2.76 -30.17
CA GLU A 286 -2.86 1.63 -30.76
C GLU A 286 -1.40 2.00 -31.10
N GLN A 287 -1.11 3.30 -31.21
CA GLN A 287 0.22 3.86 -31.48
C GLN A 287 1.01 4.12 -30.20
N ILE A 288 0.32 4.24 -29.05
CA ILE A 288 0.91 4.45 -27.72
C ILE A 288 1.07 3.10 -27.00
N LEU A 289 0.03 2.23 -27.06
CA LEU A 289 0.07 0.92 -26.42
C LEU A 289 0.69 -0.17 -27.31
N THR A 290 1.95 0.07 -27.73
CA THR A 290 2.72 -0.86 -28.54
C THR A 290 3.61 -1.65 -27.58
N PHE A 291 3.80 -2.96 -27.84
CA PHE A 291 4.62 -3.83 -27.01
C PHE A 291 6.08 -3.35 -26.94
N SER A 292 6.65 -2.99 -28.10
CA SER A 292 8.02 -2.48 -28.20
C SER A 292 8.06 -0.96 -27.91
N PRO A 293 9.05 -0.48 -27.14
CA PRO A 293 9.11 0.96 -26.85
C PRO A 293 9.65 1.80 -28.02
N MET A 294 10.22 1.12 -29.05
CA MET A 294 10.78 1.73 -30.26
C MET A 294 9.66 2.27 -31.16
N ASP A 295 8.55 1.52 -31.29
CA ASP A 295 7.38 1.85 -32.09
C ASP A 295 6.47 2.87 -31.39
N ARG A 296 6.56 2.95 -30.05
CA ARG A 296 5.79 3.83 -29.18
C ARG A 296 6.03 5.31 -29.44
N LEU A 297 4.95 6.11 -29.41
CA LEU A 297 4.98 7.56 -29.56
C LEU A 297 5.50 8.16 -28.25
N THR A 298 6.29 9.24 -28.34
CA THR A 298 6.78 9.95 -27.16
C THR A 298 5.72 11.00 -26.80
N ALA A 299 5.96 11.83 -25.77
CA ALA A 299 4.99 12.88 -25.40
C ALA A 299 4.89 13.92 -26.52
N GLU A 300 6.04 14.29 -27.14
CA GLU A 300 6.12 15.24 -28.26
C GLU A 300 5.44 14.68 -29.51
N GLU A 301 5.69 13.38 -29.82
CA GLU A 301 5.11 12.67 -30.97
C GLU A 301 3.60 12.54 -30.85
N ALA A 302 3.09 12.27 -29.63
CA ALA A 302 1.66 12.12 -29.34
C ALA A 302 0.92 13.45 -29.42
N LEU A 303 1.56 14.56 -28.97
CA LEU A 303 0.97 15.90 -29.01
C LEU A 303 0.88 16.45 -30.44
N SER A 304 1.79 16.01 -31.34
CA SER A 304 1.82 16.44 -32.74
C SER A 304 0.95 15.55 -33.66
N HIS A 305 0.31 14.51 -33.08
CA HIS A 305 -0.60 13.59 -33.76
C HIS A 305 -1.90 14.33 -34.11
N PRO A 306 -2.55 14.08 -35.27
CA PRO A 306 -3.80 14.80 -35.62
C PRO A 306 -4.93 14.74 -34.58
N TYR A 307 -4.93 13.70 -33.72
CA TYR A 307 -5.93 13.52 -32.65
C TYR A 307 -5.67 14.48 -31.46
N MET A 308 -4.43 15.02 -31.35
CA MET A 308 -4.06 15.94 -30.26
C MET A 308 -3.65 17.35 -30.74
N SER A 309 -3.36 17.50 -32.05
CA SER A 309 -2.95 18.77 -32.68
C SER A 309 -4.07 19.83 -32.66
N ILE A 310 -5.32 19.38 -32.50
CA ILE A 310 -6.53 20.20 -32.49
C ILE A 310 -6.63 21.11 -31.23
N TYR A 311 -5.99 20.72 -30.11
CA TYR A 311 -6.03 21.48 -28.85
C TYR A 311 -5.02 22.64 -28.78
N SER A 312 -3.92 22.55 -29.55
CA SER A 312 -2.89 23.60 -29.59
C SER A 312 -3.29 24.77 -30.49
N PHE A 313 -2.75 25.97 -30.21
CA PHE A 313 -3.03 27.17 -31.01
C PHE A 313 -1.92 27.44 -32.04
N VAL B 38 -19.25 -2.39 -3.04
CA VAL B 38 -18.66 -2.86 -1.79
C VAL B 38 -18.78 -4.38 -1.63
N ALA B 39 -17.78 -5.01 -0.99
CA ALA B 39 -17.69 -6.47 -0.78
C ALA B 39 -18.79 -7.06 0.08
N ILE B 40 -19.26 -8.28 -0.30
CA ILE B 40 -20.30 -9.05 0.38
C ILE B 40 -19.76 -10.45 0.71
N LYS B 41 -19.83 -10.83 2.00
CA LYS B 41 -19.36 -12.12 2.53
C LYS B 41 -20.56 -12.99 2.93
N LYS B 42 -20.58 -14.26 2.51
CA LYS B 42 -21.67 -15.18 2.86
C LYS B 42 -21.27 -16.18 3.94
N ILE B 43 -22.16 -16.39 4.92
CA ILE B 43 -21.98 -17.35 6.02
C ILE B 43 -23.12 -18.38 5.97
N SER B 50 -22.15 -21.93 15.05
CA SER B 50 -22.12 -21.05 13.89
C SER B 50 -23.14 -19.90 13.98
N VAL B 51 -24.22 -20.10 14.75
CA VAL B 51 -25.30 -19.13 14.96
C VAL B 51 -24.95 -18.08 16.04
N LYS B 52 -24.39 -18.54 17.18
CA LYS B 52 -24.03 -17.69 18.34
C LYS B 52 -22.86 -16.73 18.07
N HIS B 53 -21.80 -17.15 17.32
CA HIS B 53 -20.67 -16.26 16.99
C HIS B 53 -21.11 -15.20 15.98
N ALA B 54 -22.16 -15.50 15.18
CA ALA B 54 -22.73 -14.57 14.21
C ALA B 54 -23.35 -13.37 14.96
N LEU B 55 -24.13 -13.62 16.04
CA LEU B 55 -24.73 -12.55 16.85
C LEU B 55 -23.68 -11.69 17.56
N ARG B 56 -22.55 -12.29 18.01
CA ARG B 56 -21.47 -11.52 18.65
C ARG B 56 -20.74 -10.70 17.59
N GLU B 57 -20.61 -11.26 16.35
CA GLU B 57 -20.00 -10.56 15.24
C GLU B 57 -20.89 -9.38 14.87
N ILE B 58 -22.12 -9.64 14.35
CA ILE B 58 -23.13 -8.65 13.96
C ILE B 58 -23.21 -7.47 14.95
N LYS B 59 -23.45 -7.75 16.24
CA LYS B 59 -23.56 -6.75 17.31
C LYS B 59 -22.29 -5.92 17.54
N ILE B 60 -21.10 -6.54 17.54
CA ILE B 60 -19.85 -5.84 17.80
C ILE B 60 -19.25 -5.19 16.52
N ILE B 61 -19.13 -5.92 15.39
CA ILE B 61 -18.55 -5.42 14.14
C ILE B 61 -19.38 -4.27 13.52
N ARG B 62 -20.72 -4.28 13.71
CA ARG B 62 -21.60 -3.20 13.23
C ARG B 62 -21.42 -1.98 14.16
N ARG B 63 -21.25 -2.23 15.48
CA ARG B 63 -21.04 -1.20 16.49
C ARG B 63 -19.68 -0.52 16.35
N LEU B 64 -18.59 -1.30 16.11
CA LEU B 64 -17.23 -0.79 15.95
C LEU B 64 -17.13 0.18 14.77
N ASP B 65 -16.86 1.46 15.08
CA ASP B 65 -16.72 2.55 14.12
C ASP B 65 -15.38 3.24 14.32
N HIS B 66 -14.41 2.90 13.46
CA HIS B 66 -13.03 3.41 13.48
C HIS B 66 -12.44 3.41 12.06
N ASP B 67 -11.46 4.30 11.81
CA ASP B 67 -10.77 4.47 10.53
C ASP B 67 -9.84 3.30 10.18
N ASN B 68 -9.40 2.54 11.19
CA ASN B 68 -8.49 1.39 11.00
C ASN B 68 -9.19 0.03 11.26
N ILE B 69 -10.53 0.01 11.14
CA ILE B 69 -11.39 -1.17 11.29
C ILE B 69 -12.30 -1.22 10.06
N VAL B 70 -12.44 -2.41 9.41
CA VAL B 70 -13.29 -2.61 8.24
C VAL B 70 -14.76 -2.36 8.64
N LYS B 71 -15.33 -1.26 8.11
CA LYS B 71 -16.70 -0.83 8.42
C LYS B 71 -17.75 -1.75 7.82
N VAL B 72 -18.74 -2.15 8.65
CA VAL B 72 -19.83 -3.03 8.27
C VAL B 72 -21.08 -2.19 7.98
N PHE B 73 -21.69 -2.38 6.81
CA PHE B 73 -22.87 -1.63 6.39
C PHE B 73 -24.19 -2.31 6.74
N GLU B 74 -24.39 -3.58 6.34
CA GLU B 74 -25.63 -4.33 6.60
C GLU B 74 -25.46 -5.84 6.76
N ILE B 75 -26.46 -6.48 7.38
CA ILE B 75 -26.54 -7.93 7.58
C ILE B 75 -27.83 -8.37 6.87
N LEU B 76 -27.69 -9.15 5.79
CA LEU B 76 -28.81 -9.61 4.96
C LEU B 76 -29.15 -11.10 5.17
N GLY B 77 -30.38 -11.47 4.77
CA GLY B 77 -30.88 -12.83 4.86
C GLY B 77 -30.63 -13.64 3.59
N PRO B 78 -31.29 -14.80 3.41
CA PRO B 78 -31.05 -15.61 2.20
C PRO B 78 -31.57 -14.97 0.90
N SER B 79 -32.74 -14.31 0.98
CA SER B 79 -33.37 -13.63 -0.16
C SER B 79 -32.64 -12.35 -0.56
N GLY B 80 -32.10 -11.63 0.43
CA GLY B 80 -31.37 -10.38 0.25
C GLY B 80 -31.92 -9.22 1.05
N SER B 81 -32.88 -9.50 1.95
CA SER B 81 -33.51 -8.52 2.84
C SER B 81 -32.74 -8.36 4.14
N GLN B 82 -32.65 -7.12 4.65
CA GLN B 82 -31.93 -6.77 5.88
C GLN B 82 -32.51 -7.44 7.14
N LEU B 83 -31.63 -7.68 8.15
CA LEU B 83 -32.00 -8.29 9.42
C LEU B 83 -32.20 -7.23 10.51
N VAL B 96 -26.68 -16.35 5.57
CA VAL B 96 -26.63 -14.96 6.01
C VAL B 96 -25.47 -14.22 5.33
N TYR B 97 -25.78 -13.09 4.65
CA TYR B 97 -24.80 -12.25 3.96
C TYR B 97 -24.41 -11.05 4.83
N ILE B 98 -23.14 -10.60 4.72
CA ILE B 98 -22.60 -9.45 5.46
C ILE B 98 -22.00 -8.44 4.47
N VAL B 99 -22.57 -7.23 4.43
CA VAL B 99 -22.14 -6.13 3.58
C VAL B 99 -21.13 -5.29 4.37
N GLN B 100 -19.99 -4.98 3.77
CA GLN B 100 -18.99 -4.17 4.43
C GLN B 100 -18.01 -3.46 3.50
N GLU B 101 -17.30 -2.50 4.05
CA GLU B 101 -16.31 -1.70 3.35
C GLU B 101 -15.49 -2.53 2.39
N TYR B 102 -15.26 -2.04 1.18
CA TYR B 102 -14.48 -2.78 0.20
C TYR B 102 -13.02 -2.43 0.26
N MET B 103 -12.18 -3.45 0.39
CA MET B 103 -10.76 -3.24 0.45
C MET B 103 -10.01 -3.88 -0.68
N GLU B 104 -9.13 -3.11 -1.26
CA GLU B 104 -8.27 -3.53 -2.35
C GLU B 104 -7.84 -4.98 -2.24
N THR B 105 -6.95 -5.22 -1.28
CA THR B 105 -6.31 -6.51 -1.01
C THR B 105 -5.99 -6.66 0.49
N ASP B 106 -5.40 -7.80 0.89
CA ASP B 106 -4.97 -8.06 2.27
C ASP B 106 -3.44 -7.97 2.38
N LEU B 107 -2.91 -7.89 3.61
CA LEU B 107 -1.48 -7.79 3.89
C LEU B 107 -0.70 -9.06 3.51
N ALA B 108 -1.37 -10.24 3.55
CA ALA B 108 -0.76 -11.52 3.17
C ALA B 108 -0.41 -11.56 1.68
N ASN B 109 -1.20 -10.88 0.83
CA ASN B 109 -0.92 -10.79 -0.61
C ASN B 109 0.15 -9.75 -0.90
N VAL B 110 0.23 -8.68 -0.08
CA VAL B 110 1.20 -7.60 -0.19
C VAL B 110 2.60 -8.13 0.18
N LEU B 111 2.68 -8.93 1.27
CA LEU B 111 3.92 -9.54 1.77
C LEU B 111 4.43 -10.69 0.91
N GLU B 112 3.52 -11.29 0.10
CA GLU B 112 3.81 -12.38 -0.84
C GLU B 112 4.79 -11.91 -1.92
N GLN B 113 4.77 -10.60 -2.22
CA GLN B 113 5.60 -9.94 -3.22
C GLN B 113 6.99 -9.49 -2.68
N GLY B 114 7.18 -9.61 -1.36
CA GLY B 114 8.44 -9.26 -0.70
C GLY B 114 8.30 -8.40 0.55
N PRO B 115 9.44 -8.06 1.23
CA PRO B 115 9.34 -7.24 2.45
C PRO B 115 9.06 -5.77 2.14
N LEU B 116 8.47 -5.05 3.11
CA LEU B 116 8.14 -3.63 2.96
C LEU B 116 9.28 -2.74 3.46
N LEU B 117 9.30 -1.47 3.02
CA LEU B 117 10.28 -0.46 3.47
C LEU B 117 9.99 -0.18 4.95
N GLU B 118 11.00 0.26 5.69
CA GLU B 118 10.83 0.58 7.11
C GLU B 118 9.80 1.70 7.34
N GLU B 119 9.55 2.58 6.34
CA GLU B 119 8.56 3.65 6.44
C GLU B 119 7.13 3.11 6.37
N HIS B 120 6.90 2.07 5.52
CA HIS B 120 5.59 1.45 5.32
C HIS B 120 5.24 0.48 6.46
N ALA B 121 6.24 -0.28 6.95
CA ALA B 121 6.09 -1.23 8.04
C ALA B 121 5.77 -0.50 9.35
N ARG B 122 6.35 0.70 9.55
CA ARG B 122 6.15 1.55 10.71
C ARG B 122 4.75 2.19 10.66
N LEU B 123 4.34 2.67 9.46
CA LEU B 123 3.04 3.30 9.20
C LEU B 123 1.90 2.30 9.42
N PHE B 124 2.06 1.06 8.92
CA PHE B 124 1.05 -0.01 9.08
C PHE B 124 0.94 -0.49 10.51
N MET B 125 2.08 -0.51 11.24
CA MET B 125 2.11 -0.91 12.64
C MET B 125 1.34 0.13 13.48
N TYR B 126 1.56 1.43 13.22
CA TYR B 126 0.88 2.54 13.87
C TYR B 126 -0.64 2.40 13.70
N GLN B 127 -1.08 2.10 12.47
CA GLN B 127 -2.48 1.92 12.12
C GLN B 127 -3.08 0.66 12.75
N LEU B 128 -2.26 -0.41 12.88
CA LEU B 128 -2.68 -1.67 13.51
C LEU B 128 -2.83 -1.48 15.02
N LEU B 129 -1.89 -0.75 15.65
CA LEU B 129 -1.92 -0.43 17.08
C LEU B 129 -3.05 0.54 17.42
N ARG B 130 -3.38 1.47 16.48
CA ARG B 130 -4.48 2.42 16.63
C ARG B 130 -5.81 1.69 16.60
N GLY B 131 -5.93 0.71 15.70
CA GLY B 131 -7.10 -0.13 15.56
C GLY B 131 -7.28 -1.06 16.75
N LEU B 132 -6.16 -1.63 17.25
CA LEU B 132 -6.14 -2.50 18.42
C LEU B 132 -6.54 -1.75 19.70
N LYS B 133 -6.09 -0.48 19.83
CA LYS B 133 -6.40 0.41 20.95
C LYS B 133 -7.90 0.60 21.08
N TYR B 134 -8.60 0.77 19.93
CA TYR B 134 -10.03 0.97 19.85
C TYR B 134 -10.82 -0.25 20.30
N ILE B 135 -10.52 -1.44 19.72
CA ILE B 135 -11.24 -2.68 20.05
C ILE B 135 -10.98 -3.09 21.50
N HIS B 136 -9.72 -2.98 21.99
CA HIS B 136 -9.37 -3.32 23.39
C HIS B 136 -10.03 -2.37 24.40
N SER B 137 -10.29 -1.10 24.00
CA SER B 137 -10.96 -0.10 24.82
C SER B 137 -12.44 -0.48 25.02
N ALA B 138 -13.04 -1.08 23.97
CA ALA B 138 -14.42 -1.54 23.95
C ALA B 138 -14.54 -3.00 24.47
N ASN B 139 -13.44 -3.53 25.07
CA ASN B 139 -13.31 -4.89 25.63
C ASN B 139 -13.52 -5.98 24.58
N VAL B 140 -13.08 -5.72 23.33
CA VAL B 140 -13.18 -6.60 22.16
C VAL B 140 -11.78 -7.09 21.75
N LEU B 141 -11.60 -8.42 21.68
CA LEU B 141 -10.34 -9.05 21.26
C LEU B 141 -10.54 -9.59 19.85
N HIS B 142 -9.51 -9.46 18.98
CA HIS B 142 -9.61 -9.96 17.60
C HIS B 142 -9.61 -11.49 17.55
N ARG B 143 -8.87 -12.14 18.48
CA ARG B 143 -8.78 -13.59 18.64
C ARG B 143 -8.01 -14.32 17.51
N ASP B 144 -7.84 -13.68 16.33
CA ASP B 144 -7.23 -14.31 15.15
C ASP B 144 -6.36 -13.35 14.30
N LEU B 145 -5.44 -12.61 14.95
CA LEU B 145 -4.59 -11.67 14.20
C LEU B 145 -3.54 -12.36 13.36
N LYS B 146 -3.48 -11.99 12.08
CA LYS B 146 -2.58 -12.52 11.03
C LYS B 146 -2.65 -11.61 9.78
N PRO B 147 -1.61 -11.55 8.89
CA PRO B 147 -1.69 -10.66 7.71
C PRO B 147 -2.91 -10.84 6.81
N ALA B 148 -3.50 -12.05 6.74
CA ALA B 148 -4.70 -12.33 5.94
C ALA B 148 -5.94 -11.57 6.45
N ASN B 149 -5.99 -11.28 7.76
CA ASN B 149 -7.09 -10.56 8.42
C ASN B 149 -6.82 -9.05 8.55
N LEU B 150 -5.74 -8.56 7.91
CA LEU B 150 -5.36 -7.15 7.87
C LEU B 150 -5.49 -6.68 6.42
N PHE B 151 -6.48 -5.83 6.15
CA PHE B 151 -6.78 -5.36 4.80
C PHE B 151 -6.13 -4.03 4.47
N ILE B 152 -5.47 -3.98 3.30
CA ILE B 152 -4.69 -2.84 2.82
C ILE B 152 -5.30 -2.15 1.61
N ASN B 153 -5.33 -0.81 1.63
CA ASN B 153 -5.75 0.06 0.54
C ASN B 153 -4.46 0.76 0.11
N THR B 154 -3.64 0.05 -0.71
CA THR B 154 -2.31 0.43 -1.22
C THR B 154 -2.17 1.89 -1.70
N GLU B 155 -3.26 2.43 -2.30
CA GLU B 155 -3.40 3.78 -2.84
C GLU B 155 -3.20 4.86 -1.76
N ASP B 156 -4.00 4.78 -0.69
CA ASP B 156 -4.03 5.70 0.45
C ASP B 156 -3.12 5.22 1.59
N LEU B 157 -2.55 4.00 1.45
CA LEU B 157 -1.69 3.31 2.41
C LEU B 157 -2.38 3.18 3.78
N VAL B 158 -3.60 2.67 3.72
CA VAL B 158 -4.37 2.47 4.90
C VAL B 158 -4.61 1.02 5.20
N LEU B 159 -4.35 0.66 6.45
CA LEU B 159 -4.52 -0.69 6.93
C LEU B 159 -5.80 -0.68 7.68
N LYS B 160 -6.53 -1.78 7.64
CA LYS B 160 -7.77 -1.86 8.35
C LYS B 160 -7.93 -3.27 8.81
N ILE B 161 -8.31 -3.44 10.06
CA ILE B 161 -8.50 -4.74 10.59
C ILE B 161 -9.87 -5.25 10.21
N GLY B 162 -9.93 -6.50 9.83
CA GLY B 162 -11.15 -7.20 9.45
C GLY B 162 -11.14 -8.66 9.88
N ASP B 163 -12.15 -9.42 9.41
CA ASP B 163 -12.34 -10.86 9.68
C ASP B 163 -12.24 -11.21 11.18
N PHE B 164 -12.97 -10.45 12.02
CA PHE B 164 -13.02 -10.63 13.48
C PHE B 164 -13.42 -12.05 13.88
N GLY B 165 -12.41 -12.89 14.11
CA GLY B 165 -12.59 -14.30 14.49
C GLY B 165 -12.45 -14.54 15.98
N HIS B 179 -11.73 -33.28 14.60
CA HIS B 179 -13.02 -32.78 14.12
C HIS B 179 -13.08 -31.24 14.03
N LEU B 180 -12.07 -30.56 14.61
CA LEU B 180 -11.98 -29.10 14.66
C LEU B 180 -11.33 -28.46 13.41
N SER B 181 -11.00 -29.28 12.37
CA SER B 181 -10.33 -28.86 11.12
C SER B 181 -8.96 -28.21 11.44
N GLU B 182 -8.16 -28.92 12.28
CA GLU B 182 -6.86 -28.52 12.81
C GLU B 182 -5.79 -28.17 11.77
N GLY B 183 -5.73 -28.93 10.67
CA GLY B 183 -4.73 -28.75 9.62
C GLY B 183 -4.80 -27.48 8.81
N LEU B 184 -5.62 -26.49 9.24
CA LEU B 184 -5.77 -25.22 8.52
C LEU B 184 -5.50 -23.97 9.37
N VAL B 185 -5.40 -24.12 10.71
CA VAL B 185 -5.14 -23.00 11.61
C VAL B 185 -3.63 -22.91 11.83
N THR B 186 -3.04 -21.74 11.55
CA THR B 186 -1.61 -21.52 11.70
C THR B 186 -1.29 -20.98 13.08
N LYS B 187 -0.29 -21.59 13.72
CA LYS B 187 0.18 -21.30 15.08
C LYS B 187 1.26 -20.20 15.12
N TRP B 188 1.71 -19.76 13.93
CA TRP B 188 2.79 -18.78 13.70
C TRP B 188 2.68 -17.45 14.46
N TYR B 189 1.45 -17.00 14.80
CA TYR B 189 1.23 -15.71 15.49
C TYR B 189 0.67 -15.86 16.92
N ARG B 190 0.68 -17.11 17.44
CA ARG B 190 0.20 -17.45 18.78
C ARG B 190 1.26 -17.14 19.83
N SER B 191 0.84 -16.53 20.94
CA SER B 191 1.71 -16.15 22.06
C SER B 191 2.10 -17.39 22.88
N PRO B 192 3.24 -17.38 23.65
CA PRO B 192 3.58 -18.55 24.46
C PRO B 192 2.49 -18.95 25.44
N ARG B 193 1.73 -17.97 25.98
CA ARG B 193 0.60 -18.16 26.89
C ARG B 193 -0.55 -18.87 26.15
N LEU B 194 -0.74 -18.57 24.86
CA LEU B 194 -1.80 -19.18 24.05
C LEU B 194 -1.47 -20.62 23.66
N LEU B 195 -0.17 -20.96 23.57
CA LEU B 195 0.27 -22.32 23.25
C LEU B 195 0.18 -23.22 24.47
N LEU B 196 0.43 -22.66 25.68
CA LEU B 196 0.34 -23.39 26.95
C LEU B 196 -1.10 -23.45 27.46
N SER B 197 -1.85 -22.35 27.35
CA SER B 197 -3.26 -22.23 27.77
C SER B 197 -4.12 -21.80 26.55
N PRO B 198 -4.62 -22.76 25.74
CA PRO B 198 -5.40 -22.38 24.54
C PRO B 198 -6.81 -21.86 24.81
N ASN B 199 -7.37 -22.22 25.97
CA ASN B 199 -8.73 -21.83 26.37
C ASN B 199 -8.89 -20.36 26.73
N ASN B 200 -7.80 -19.69 27.16
CA ASN B 200 -7.85 -18.29 27.58
C ASN B 200 -7.36 -17.33 26.50
N TYR B 201 -8.13 -16.24 26.28
CA TYR B 201 -7.85 -15.15 25.34
C TYR B 201 -7.84 -13.81 26.06
N THR B 202 -6.72 -13.07 25.92
CA THR B 202 -6.48 -11.75 26.54
C THR B 202 -6.05 -10.72 25.50
N LYS B 203 -5.99 -9.43 25.90
CA LYS B 203 -5.57 -8.29 25.06
C LYS B 203 -4.10 -8.45 24.65
N ALA B 204 -3.28 -9.04 25.56
CA ALA B 204 -1.84 -9.27 25.38
C ALA B 204 -1.55 -10.27 24.27
N ILE B 205 -2.48 -11.22 24.02
CA ILE B 205 -2.38 -12.24 22.97
C ILE B 205 -2.40 -11.56 21.59
N ASP B 206 -3.26 -10.54 21.41
CA ASP B 206 -3.39 -9.74 20.19
C ASP B 206 -2.11 -8.93 19.94
N MET B 207 -1.47 -8.46 21.03
CA MET B 207 -0.23 -7.68 20.97
C MET B 207 0.96 -8.48 20.45
N TRP B 208 1.11 -9.77 20.90
CA TRP B 208 2.18 -10.67 20.46
C TRP B 208 2.06 -10.91 18.96
N ALA B 209 0.83 -11.14 18.47
CA ALA B 209 0.51 -11.36 17.06
C ALA B 209 0.88 -10.12 16.24
N ALA B 210 0.59 -8.89 16.77
CA ALA B 210 0.91 -7.60 16.15
C ALA B 210 2.43 -7.42 15.99
N GLY B 211 3.19 -7.96 16.94
CA GLY B 211 4.64 -7.95 16.94
C GLY B 211 5.20 -8.86 15.85
N CYS B 212 4.63 -10.09 15.75
CA CYS B 212 4.98 -11.11 14.75
C CYS B 212 4.71 -10.60 13.33
N ILE B 213 3.63 -9.80 13.16
CA ILE B 213 3.25 -9.18 11.88
C ILE B 213 4.26 -8.10 11.48
N PHE B 214 4.67 -7.22 12.44
CA PHE B 214 5.65 -6.16 12.23
C PHE B 214 6.99 -6.72 11.78
N ALA B 215 7.43 -7.84 12.39
CA ALA B 215 8.67 -8.55 12.05
C ALA B 215 8.58 -9.15 10.65
N GLU B 216 7.38 -9.62 10.26
CA GLU B 216 7.12 -10.20 8.94
C GLU B 216 7.06 -9.09 7.88
N MET B 217 6.63 -7.87 8.27
CA MET B 217 6.57 -6.72 7.37
C MET B 217 7.96 -6.24 7.00
N LEU B 218 8.91 -6.29 7.96
CA LEU B 218 10.29 -5.87 7.81
C LEU B 218 11.17 -6.87 7.06
N THR B 219 11.01 -8.19 7.36
CA THR B 219 11.82 -9.26 6.76
C THR B 219 11.18 -9.92 5.53
N GLY B 220 9.85 -10.03 5.51
CA GLY B 220 9.11 -10.67 4.44
C GLY B 220 8.76 -12.11 4.77
N LYS B 221 9.59 -12.75 5.62
CA LYS B 221 9.46 -14.13 6.09
C LYS B 221 8.82 -14.16 7.49
N THR B 222 8.16 -15.29 7.84
CA THR B 222 7.53 -15.51 9.15
C THR B 222 8.62 -15.63 10.20
N LEU B 223 8.47 -14.91 11.31
CA LEU B 223 9.44 -14.88 12.42
C LEU B 223 9.58 -16.24 13.10
N PHE B 224 8.45 -16.85 13.51
CA PHE B 224 8.43 -18.16 14.14
C PHE B 224 7.44 -19.08 13.39
N ALA B 225 7.95 -19.78 12.35
CA ALA B 225 7.14 -20.67 11.52
C ALA B 225 7.25 -22.14 11.97
N GLY B 226 6.33 -22.54 12.84
CA GLY B 226 6.26 -23.89 13.39
C GLY B 226 5.10 -24.69 12.82
N ALA B 227 5.36 -25.98 12.54
CA ALA B 227 4.39 -26.94 11.99
C ALA B 227 3.25 -27.25 12.96
N HIS B 228 3.55 -27.32 14.26
CA HIS B 228 2.60 -27.59 15.34
C HIS B 228 2.89 -26.75 16.60
N GLU B 229 2.02 -26.84 17.62
CA GLU B 229 2.12 -26.12 18.90
C GLU B 229 3.45 -26.30 19.63
N LEU B 230 3.99 -27.53 19.61
CA LEU B 230 5.26 -27.88 20.26
C LEU B 230 6.46 -27.29 19.53
N GLU B 231 6.48 -27.37 18.18
CA GLU B 231 7.57 -26.81 17.35
C GLU B 231 7.57 -25.29 17.39
N GLN B 232 6.38 -24.67 17.54
CA GLN B 232 6.18 -23.22 17.64
C GLN B 232 6.86 -22.69 18.90
N MET B 233 6.70 -23.41 20.03
CA MET B 233 7.29 -23.07 21.33
C MET B 233 8.82 -23.20 21.27
N GLN B 234 9.32 -24.25 20.58
CA GLN B 234 10.75 -24.53 20.40
C GLN B 234 11.45 -23.37 19.68
N LEU B 235 10.78 -22.79 18.65
CA LEU B 235 11.30 -21.66 17.87
C LEU B 235 11.26 -20.35 18.66
N ILE B 236 10.19 -20.14 19.45
CA ILE B 236 10.01 -18.95 20.30
C ILE B 236 11.09 -18.92 21.38
N LEU B 237 11.35 -20.07 22.03
CA LEU B 237 12.35 -20.23 23.10
C LEU B 237 13.80 -19.99 22.65
N GLU B 238 14.08 -20.20 21.36
CA GLU B 238 15.40 -20.00 20.76
C GLU B 238 15.76 -18.50 20.64
N SER B 239 14.73 -17.62 20.50
CA SER B 239 14.90 -16.18 20.28
C SER B 239 14.37 -15.26 21.39
N ILE B 240 13.30 -15.67 22.07
CA ILE B 240 12.69 -14.88 23.15
C ILE B 240 13.17 -15.40 24.52
N PRO B 241 13.84 -14.56 25.34
CA PRO B 241 14.31 -15.03 26.64
C PRO B 241 13.23 -15.03 27.72
N VAL B 242 13.29 -16.02 28.63
CA VAL B 242 12.36 -16.14 29.76
C VAL B 242 13.03 -15.43 30.94
N VAL B 243 12.50 -14.26 31.33
CA VAL B 243 13.06 -13.45 32.42
C VAL B 243 12.50 -13.83 33.80
N HIS B 244 11.19 -14.09 33.89
CA HIS B 244 10.52 -14.47 35.14
C HIS B 244 10.77 -15.92 35.52
N GLU B 245 11.01 -16.18 36.82
CA GLU B 245 11.24 -17.52 37.36
C GLU B 245 9.93 -18.30 37.45
N GLU B 246 8.77 -17.59 37.45
CA GLU B 246 7.43 -18.17 37.48
C GLU B 246 7.15 -18.90 36.16
N ASP B 247 7.47 -18.25 35.02
CA ASP B 247 7.31 -18.80 33.66
C ASP B 247 8.32 -19.91 33.40
N ARG B 248 9.57 -19.73 33.89
CA ARG B 248 10.70 -20.64 33.74
C ARG B 248 10.43 -22.01 34.41
N GLN B 249 9.84 -22.00 35.62
CA GLN B 249 9.50 -23.21 36.37
C GLN B 249 8.29 -23.94 35.78
N GLU B 250 7.38 -23.17 35.14
CA GLU B 250 6.17 -23.70 34.47
C GLU B 250 6.58 -24.47 33.20
N LEU B 251 7.61 -23.97 32.50
CA LEU B 251 8.18 -24.52 31.28
C LEU B 251 8.90 -25.85 31.51
N LEU B 252 9.57 -26.00 32.68
CA LEU B 252 10.27 -27.21 33.09
C LEU B 252 9.30 -28.36 33.39
N SER B 253 8.03 -28.02 33.71
CA SER B 253 6.98 -28.98 34.02
C SER B 253 6.11 -29.36 32.80
N VAL B 254 6.49 -28.89 31.59
CA VAL B 254 5.78 -29.25 30.35
C VAL B 254 6.75 -29.86 29.30
N ILE B 255 7.94 -29.26 29.07
CA ILE B 255 8.92 -29.78 28.11
C ILE B 255 10.36 -29.83 28.69
N PRO B 256 11.10 -30.96 28.54
CA PRO B 256 12.48 -31.01 29.04
C PRO B 256 13.51 -30.46 28.05
N VAL B 257 13.06 -30.16 26.81
CA VAL B 257 13.84 -29.63 25.68
C VAL B 257 14.32 -28.20 25.99
N TYR B 258 13.54 -27.44 26.80
CA TYR B 258 13.78 -26.05 27.22
C TYR B 258 15.18 -25.77 27.78
N ILE B 259 15.77 -26.75 28.52
CA ILE B 259 17.10 -26.69 29.15
C ILE B 259 17.29 -25.42 30.00
N ARG B 260 16.36 -25.19 30.94
CA ARG B 260 16.35 -24.04 31.83
C ARG B 260 17.35 -24.12 32.97
N ASN B 261 18.25 -23.12 33.03
CA ASN B 261 19.30 -22.93 34.03
C ASN B 261 19.37 -21.43 34.33
N ASP B 262 19.43 -20.62 33.25
CA ASP B 262 19.44 -19.17 33.23
C ASP B 262 19.02 -18.78 31.81
N MET B 263 17.72 -18.70 31.60
CA MET B 263 17.12 -18.42 30.30
C MET B 263 17.42 -17.09 29.66
N THR B 264 17.77 -16.07 30.44
CA THR B 264 18.07 -14.76 29.88
C THR B 264 19.12 -14.98 28.83
N GLU B 265 19.26 -14.08 27.88
CA GLU B 265 20.25 -14.26 26.82
C GLU B 265 20.03 -15.59 26.09
N PRO B 266 19.31 -15.49 24.91
CA PRO B 266 19.08 -16.76 24.23
C PRO B 266 19.93 -16.95 23.01
N HIS B 267 20.06 -18.19 22.58
CA HIS B 267 20.85 -18.54 21.43
C HIS B 267 20.83 -17.54 20.28
N LYS B 268 19.78 -17.57 19.49
CA LYS B 268 19.71 -16.68 18.33
C LYS B 268 18.71 -15.56 18.68
N PRO B 269 19.17 -14.44 19.28
CA PRO B 269 18.24 -13.37 19.67
C PRO B 269 17.46 -12.74 18.51
N LEU B 270 16.41 -11.97 18.84
CA LEU B 270 15.55 -11.29 17.88
C LEU B 270 16.30 -10.39 16.90
N THR B 271 17.46 -9.84 17.32
CA THR B 271 18.29 -8.96 16.50
C THR B 271 18.98 -9.69 15.32
N GLN B 272 19.21 -11.01 15.45
CA GLN B 272 19.82 -11.84 14.40
C GLN B 272 18.80 -12.35 13.38
N LEU B 273 17.50 -12.29 13.73
CA LEU B 273 16.39 -12.70 12.87
C LEU B 273 15.93 -11.53 11.98
N LEU B 274 16.40 -10.31 12.29
CA LEU B 274 16.08 -9.09 11.57
C LEU B 274 17.38 -8.44 11.01
N PRO B 275 18.01 -9.01 9.95
CA PRO B 275 19.24 -8.41 9.43
C PRO B 275 18.97 -7.21 8.53
N GLY B 276 19.74 -6.13 8.75
CA GLY B 276 19.62 -4.88 8.01
C GLY B 276 18.61 -3.90 8.57
N ILE B 277 17.79 -4.37 9.54
CA ILE B 277 16.75 -3.57 10.20
C ILE B 277 17.41 -2.75 11.32
N SER B 278 17.02 -1.46 11.43
CA SER B 278 17.54 -0.51 12.43
C SER B 278 17.26 -0.93 13.87
N ARG B 279 18.15 -0.51 14.80
CA ARG B 279 18.09 -0.77 16.24
C ARG B 279 16.79 -0.26 16.87
N GLU B 280 16.28 0.89 16.36
CA GLU B 280 15.06 1.56 16.83
C GLU B 280 13.83 0.65 16.67
N ALA B 281 13.73 -0.04 15.52
CA ALA B 281 12.64 -0.96 15.19
C ALA B 281 12.74 -2.25 16.01
N VAL B 282 13.97 -2.79 16.16
CA VAL B 282 14.26 -4.02 16.90
C VAL B 282 14.00 -3.85 18.41
N ASP B 283 14.47 -2.73 19.02
CA ASP B 283 14.28 -2.44 20.45
C ASP B 283 12.81 -2.19 20.80
N PHE B 284 12.01 -1.66 19.83
CA PHE B 284 10.58 -1.43 19.99
C PHE B 284 9.88 -2.80 19.97
N LEU B 285 10.33 -3.69 19.08
CA LEU B 285 9.82 -5.05 18.91
C LEU B 285 10.18 -5.94 20.10
N GLU B 286 11.35 -5.70 20.73
CA GLU B 286 11.82 -6.43 21.91
C GLU B 286 10.97 -6.16 23.15
N GLN B 287 10.22 -5.04 23.14
CA GLN B 287 9.32 -4.62 24.21
C GLN B 287 7.89 -5.19 24.04
N ILE B 288 7.55 -5.59 22.79
CA ILE B 288 6.25 -6.20 22.44
C ILE B 288 6.37 -7.73 22.46
N LEU B 289 7.45 -8.28 21.88
CA LEU B 289 7.67 -9.72 21.84
C LEU B 289 8.39 -10.24 23.09
N THR B 290 7.77 -10.00 24.26
CA THR B 290 8.26 -10.48 25.56
C THR B 290 7.52 -11.77 25.87
N PHE B 291 8.21 -12.76 26.46
CA PHE B 291 7.65 -14.06 26.82
C PHE B 291 6.48 -13.90 27.80
N SER B 292 6.65 -13.08 28.84
CA SER B 292 5.63 -12.80 29.85
C SER B 292 4.68 -11.70 29.36
N PRO B 293 3.35 -11.85 29.57
CA PRO B 293 2.41 -10.81 29.12
C PRO B 293 2.40 -9.57 30.03
N MET B 294 3.01 -9.69 31.23
CA MET B 294 3.11 -8.63 32.23
C MET B 294 4.07 -7.53 31.77
N ASP B 295 5.21 -7.94 31.15
CA ASP B 295 6.26 -7.04 30.65
C ASP B 295 5.88 -6.41 29.29
N ARG B 296 4.96 -7.07 28.56
CA ARG B 296 4.47 -6.68 27.24
C ARG B 296 3.75 -5.33 27.24
N LEU B 297 4.00 -4.50 26.22
CA LEU B 297 3.34 -3.20 26.08
C LEU B 297 1.92 -3.45 25.59
N THR B 298 0.98 -2.60 25.99
CA THR B 298 -0.39 -2.67 25.51
C THR B 298 -0.43 -1.80 24.25
N ALA B 299 -1.59 -1.70 23.57
CA ALA B 299 -1.73 -0.87 22.37
C ALA B 299 -1.48 0.62 22.70
N GLU B 300 -1.96 1.09 23.87
CA GLU B 300 -1.78 2.46 24.35
C GLU B 300 -0.31 2.74 24.67
N GLU B 301 0.37 1.78 25.33
CA GLU B 301 1.78 1.87 25.72
C GLU B 301 2.69 1.90 24.49
N ALA B 302 2.36 1.10 23.45
CA ALA B 302 3.11 1.02 22.20
C ALA B 302 2.95 2.29 21.36
N LEU B 303 1.75 2.89 21.35
CA LEU B 303 1.48 4.13 20.60
C LEU B 303 2.15 5.35 21.22
N SER B 304 2.38 5.33 22.55
CA SER B 304 3.02 6.42 23.28
C SER B 304 4.57 6.28 23.33
N HIS B 305 5.10 5.20 22.73
CA HIS B 305 6.53 4.89 22.63
C HIS B 305 7.17 5.88 21.62
N PRO B 306 8.42 6.37 21.85
CA PRO B 306 9.03 7.32 20.90
C PRO B 306 9.09 6.89 19.43
N TYR B 307 9.06 5.56 19.17
CA TYR B 307 9.08 4.98 17.83
C TYR B 307 7.71 5.14 17.13
N MET B 308 6.62 5.36 17.90
CA MET B 308 5.27 5.51 17.35
C MET B 308 4.64 6.90 17.61
N SER B 309 5.20 7.66 18.56
CA SER B 309 4.74 9.01 18.95
C SER B 309 4.89 10.04 17.81
N ILE B 310 5.77 9.75 16.84
CA ILE B 310 6.09 10.59 15.70
C ILE B 310 4.92 10.72 14.68
N TYR B 311 4.02 9.71 14.63
CA TYR B 311 2.88 9.69 13.71
C TYR B 311 1.65 10.49 14.18
N SER B 312 1.52 10.68 15.50
CA SER B 312 0.41 11.44 16.09
C SER B 312 0.65 12.94 15.93
N PHE B 313 -0.43 13.69 15.57
CA PHE B 313 -0.41 15.12 15.30
C PHE B 313 -0.15 15.96 16.54
C1 OYB C . -5.04 17.08 -3.01
C3 OYB C . -3.18 18.19 -3.88
N6 OYB C . -4.30 16.02 -2.63
C9 OYB C . -2.03 13.83 -2.00
C10 OYB C . -0.89 13.33 -1.36
C11 OYB C . -3.26 11.85 -1.29
C12 OYB C . -3.22 13.07 -1.96
C14 OYB C . -2.10 11.34 -0.69
C15 OYB C . -0.92 12.09 -0.71
C19 OYB C . -1.75 8.95 -0.68
C20 OYB C . -8.54 16.46 -1.79
C21 OYB C . -9.54 15.30 -1.56
C22 OYB C . -9.91 14.65 -2.91
C24 OYB C . -7.62 15.27 -3.83
N25 OYB C . -10.87 13.55 -2.71
N2 OYB C . -4.48 18.15 -3.60
C4 OYB C . -2.37 17.10 -3.52
C5 OYB C . -2.98 16.00 -2.87
N7 OYB C . -1.96 15.08 -2.65
N8 OYB C . -1.05 16.84 -3.65
N13 OYB C . -0.79 15.68 -3.15
O16 OYB C . -2.14 10.15 -0.02
N17 OYB C . -6.41 17.14 -2.76
C18 OYB C . -7.27 15.97 -2.50
C23 OYB C . -8.63 14.12 -3.61
#